data_5LOF
#
_entry.id   5LOF
#
_cell.length_a   99.400
_cell.length_b   136.760
_cell.length_c   38.330
_cell.angle_alpha   90.00
_cell.angle_beta   90.00
_cell.angle_gamma   90.00
#
_symmetry.space_group_name_H-M   'P 21 21 2'
#
loop_
_entity.id
_entity.type
_entity.pdbx_description
1 polymer 'Maltose-binding periplasmic protein,Induced myeloid leukemia cell differentiation protein Mcl-1'
2 branched alpha-D-glucopyranose-(1-4)-alpha-D-glucopyranose
3 non-polymer '(2~{R})-2-[5-[3-chloranyl-2-methyl-4-[2-(4-methylpiperazin-1-yl)ethoxy]phenyl]-6-(5-fluoranylfuran-2-yl)thieno[2,3-d]pyrimidin-4-yl]oxy-3-[2-[[2-[2,2,2-tris(fluoranyl)ethyl]pyrazol-3-yl]methoxy]phenyl]propanoic acid'
4 water water
#
_entity_poly.entity_id   1
_entity_poly.type   'polypeptide(L)'
_entity_poly.pdbx_seq_one_letter_code
;MKIEEGKLVIWINGDKGYNGLAEVGKKFEKDTGIKVTVEHPDKLEEKFPQVAATGDGPDIIFWAHDRFGGYAQSGLLAEI
TPDKAFQDKLYPFTWDAVRYNGKLIAYPIAVEALSLIYNKDLLPNPPKTWEEIPALDKELKAKGKSALMFNLQEPYFTWP
LIAADGGYAFKYAAGKYDIKDVGVDNAGAKAGLTFLVDLIKNKHMNADTDYSIAEAAFNKGETAMTINGPWAWSNIDTSA
VNYGVTVLPTFKGQPSKPFVGVLSAGINAASPNKELAKEFLENYLLTDEGLEAVNKDKPLGAVALKSYEEELAKDPRIAA
TMENAQKGEIMPNIPQMSAFWYAVRTAVINAASGRQTVDEALKDAQTGSELYRQSLEIISRYLREQATGAADTAPMGASG
ATSRKALETLRRVGDGVQRNHETAFQGMLRKLDIKNEDDVKSLSRVMIHVFSDGVTNWGRIVTLISFGAFVAKHLKTINQ
ESCIEPLAESITDVLVRTKRDWLVKQRGWDGFVEFFHV
;
_entity_poly.pdbx_strand_id   A
#
loop_
_chem_comp.id
_chem_comp.type
_chem_comp.name
_chem_comp.formula
70R non-polymer '(2~{R})-2-[5-[3-chloranyl-2-methyl-4-[2-(4-methylpiperazin-1-yl)ethoxy]phenyl]-6-(5-fluoranylfuran-2-yl)thieno[2,3-d]pyrimidin-4-yl]oxy-3-[2-[[2-[2,2,2-tris(fluoranyl)ethyl]pyrazol-3-yl]methoxy]phenyl]propanoic acid' 'C39 H37 Cl F4 N6 O6 S'
GLC D-saccharide, alpha linking alpha-D-glucopyranose 'C6 H12 O6'
#
# COMPACT_ATOMS: atom_id res chain seq x y z
N LYS A 2 -6.72 -15.34 -20.93
CA LYS A 2 -5.89 -14.43 -21.78
C LYS A 2 -4.37 -14.62 -21.74
N ILE A 3 -3.78 -15.16 -20.66
CA ILE A 3 -2.29 -15.25 -20.55
C ILE A 3 -1.72 -16.43 -21.37
N GLU A 4 -0.57 -16.21 -22.01
CA GLU A 4 -0.07 -17.14 -23.01
C GLU A 4 0.72 -18.22 -22.32
N GLU A 5 0.51 -19.45 -22.72
CA GLU A 5 1.21 -20.55 -22.12
C GLU A 5 2.55 -20.79 -22.80
N GLY A 6 3.49 -21.41 -22.09
CA GLY A 6 4.84 -21.71 -22.60
C GLY A 6 5.87 -20.58 -22.48
N LYS A 7 5.60 -19.60 -21.64
CA LYS A 7 6.45 -18.43 -21.50
C LYS A 7 6.19 -17.74 -20.15
N LEU A 8 7.14 -16.90 -19.72
CA LEU A 8 7.01 -16.13 -18.50
C LEU A 8 7.14 -14.66 -18.81
N VAL A 9 6.11 -13.91 -18.39
CA VAL A 9 6.13 -12.45 -18.36
C VAL A 9 6.22 -11.96 -16.92
N ILE A 10 7.21 -11.10 -16.67
CA ILE A 10 7.50 -10.58 -15.34
C ILE A 10 7.40 -9.07 -15.30
N TRP A 11 6.77 -8.53 -14.25
CA TRP A 11 6.66 -7.08 -13.99
C TRP A 11 7.47 -6.78 -12.75
N ILE A 12 8.28 -5.72 -12.83
CA ILE A 12 9.08 -5.25 -11.75
C ILE A 12 9.25 -3.77 -11.91
N ASN A 13 9.40 -3.05 -10.80
CA ASN A 13 9.53 -1.61 -10.89
C ASN A 13 10.81 -1.09 -11.57
N GLY A 14 10.67 0.05 -12.23
CA GLY A 14 11.78 0.64 -13.00
C GLY A 14 12.99 1.18 -12.22
N ASP A 15 12.91 1.21 -10.90
CA ASP A 15 14.08 1.53 -10.05
C ASP A 15 14.87 0.31 -9.62
N LYS A 16 14.40 -0.90 -9.93
CA LYS A 16 15.10 -2.12 -9.60
C LYS A 16 15.95 -2.66 -10.74
N GLY A 17 16.72 -3.71 -10.43
CA GLY A 17 17.65 -4.32 -11.39
C GLY A 17 17.01 -5.18 -12.45
N TYR A 18 16.26 -4.59 -13.36
CA TYR A 18 15.49 -5.37 -14.31
C TYR A 18 16.34 -5.95 -15.43
N ASN A 19 17.43 -5.30 -15.80
CA ASN A 19 18.37 -5.97 -16.74
C ASN A 19 19.00 -7.14 -16.08
N GLY A 20 19.34 -7.00 -14.80
CA GLY A 20 19.85 -8.15 -14.06
C GLY A 20 18.85 -9.31 -14.03
N LEU A 21 17.62 -9.02 -13.68
CA LEU A 21 16.58 -10.05 -13.73
C LEU A 21 16.49 -10.72 -15.13
N ALA A 22 16.61 -9.91 -16.19
CA ALA A 22 16.55 -10.44 -17.56
C ALA A 22 17.69 -11.40 -17.86
N GLU A 23 18.87 -11.19 -17.28
CA GLU A 23 19.99 -12.20 -17.36
C GLU A 23 19.64 -13.51 -16.64
N VAL A 24 18.96 -13.43 -15.51
CA VAL A 24 18.49 -14.65 -14.84
C VAL A 24 17.46 -15.31 -15.78
N GLY A 25 16.61 -14.47 -16.40
CA GLY A 25 15.71 -14.89 -17.48
C GLY A 25 16.37 -15.72 -18.58
N LYS A 26 17.45 -15.18 -19.15
CA LYS A 26 18.19 -15.83 -20.23
C LYS A 26 18.66 -17.24 -19.85
N LYS A 27 19.09 -17.35 -18.61
CA LYS A 27 19.67 -18.53 -18.08
C LYS A 27 18.58 -19.59 -17.90
N PHE A 28 17.38 -19.14 -17.57
CA PHE A 28 16.24 -20.06 -17.46
C PHE A 28 15.85 -20.58 -18.86
N GLU A 29 15.90 -19.70 -19.86
CA GLU A 29 15.66 -20.05 -21.26
C GLU A 29 16.65 -21.13 -21.75
N LYS A 30 17.91 -20.90 -21.42
CA LYS A 30 19.00 -21.76 -21.80
C LYS A 30 18.62 -23.19 -21.43
N ASP A 31 18.21 -23.42 -20.19
CA ASP A 31 18.00 -24.77 -19.71
C ASP A 31 16.71 -25.37 -20.20
N THR A 32 15.68 -24.54 -20.37
CA THR A 32 14.29 -25.03 -20.51
C THR A 32 13.68 -24.82 -21.89
N GLY A 33 14.25 -23.91 -22.68
CA GLY A 33 13.63 -23.48 -23.94
C GLY A 33 12.46 -22.51 -23.80
N ILE A 34 12.24 -21.98 -22.60
CA ILE A 34 11.09 -21.13 -22.30
C ILE A 34 11.56 -19.69 -22.26
N LYS A 35 10.98 -18.84 -23.09
CA LYS A 35 11.35 -17.43 -23.13
C LYS A 35 10.89 -16.64 -21.86
N VAL A 36 11.73 -15.74 -21.34
CA VAL A 36 11.35 -14.87 -20.21
C VAL A 36 11.47 -13.41 -20.54
N THR A 37 10.36 -12.69 -20.38
CA THR A 37 10.26 -11.30 -20.75
C THR A 37 10.10 -10.52 -19.46
N VAL A 38 11.00 -9.58 -19.23
CA VAL A 38 10.92 -8.69 -18.10
C VAL A 38 10.50 -7.33 -18.58
N GLU A 39 9.49 -6.76 -17.91
CA GLU A 39 8.92 -5.46 -18.19
C GLU A 39 8.86 -4.64 -16.90
N HIS A 40 8.92 -3.32 -17.05
CA HIS A 40 8.80 -2.38 -15.93
C HIS A 40 7.86 -1.22 -16.27
N PRO A 41 6.58 -1.54 -16.46
CA PRO A 41 5.64 -0.48 -16.83
C PRO A 41 5.46 0.49 -15.69
N ASP A 42 5.09 1.73 -16.02
CA ASP A 42 4.79 2.71 -14.99
C ASP A 42 3.52 2.31 -14.22
N LYS A 43 3.44 2.68 -12.95
CA LYS A 43 2.28 2.41 -12.09
C LYS A 43 1.87 0.96 -12.10
N LEU A 44 2.86 0.06 -12.09
CA LEU A 44 2.56 -1.33 -12.26
C LEU A 44 1.74 -1.89 -11.06
N GLU A 45 1.84 -1.22 -9.90
CA GLU A 45 1.16 -1.64 -8.68
C GLU A 45 -0.30 -1.30 -8.72
N GLU A 46 -0.67 -0.24 -9.44
CA GLU A 46 -2.07 0.09 -9.77
C GLU A 46 -2.60 -0.75 -10.93
N LYS A 47 -1.73 -1.11 -11.87
CA LYS A 47 -2.17 -1.80 -13.08
C LYS A 47 -2.35 -3.29 -12.87
N PHE A 48 -1.50 -3.88 -12.04
CA PHE A 48 -1.64 -5.29 -11.77
C PHE A 48 -3.06 -5.71 -11.31
N PRO A 49 -3.64 -5.03 -10.33
CA PRO A 49 -4.97 -5.49 -9.88
C PRO A 49 -6.09 -5.33 -10.92
N GLN A 50 -6.07 -4.22 -11.67
CA GLN A 50 -7.05 -3.96 -12.74
C GLN A 50 -7.02 -5.06 -13.81
N VAL A 51 -5.83 -5.37 -14.31
CA VAL A 51 -5.67 -6.39 -15.37
C VAL A 51 -5.75 -7.83 -14.89
N ALA A 52 -5.17 -8.14 -13.73
CA ALA A 52 -5.25 -9.49 -13.18
C ALA A 52 -6.71 -9.88 -12.94
N ALA A 53 -7.54 -8.93 -12.53
CA ALA A 53 -8.98 -9.22 -12.31
C ALA A 53 -9.69 -9.85 -13.53
N THR A 54 -9.22 -9.53 -14.73
CA THR A 54 -9.87 -10.01 -15.93
C THR A 54 -9.14 -11.26 -16.42
N GLY A 55 -8.19 -11.78 -15.63
CA GLY A 55 -7.36 -12.90 -16.04
C GLY A 55 -6.19 -12.61 -16.97
N ASP A 56 -5.78 -11.35 -17.00
CA ASP A 56 -4.71 -10.85 -17.83
C ASP A 56 -3.52 -10.49 -16.92
N GLY A 57 -2.49 -9.87 -17.51
CA GLY A 57 -1.34 -9.39 -16.79
C GLY A 57 -0.16 -10.32 -16.84
N PRO A 58 0.89 -10.04 -16.03
CA PRO A 58 2.08 -10.89 -16.03
C PRO A 58 1.88 -12.18 -15.27
N ASP A 59 2.73 -13.17 -15.53
CA ASP A 59 2.78 -14.38 -14.73
C ASP A 59 3.34 -14.09 -13.34
N ILE A 60 4.32 -13.20 -13.27
CA ILE A 60 4.99 -12.83 -12.02
C ILE A 60 4.99 -11.30 -11.84
N ILE A 61 4.63 -10.85 -10.64
CA ILE A 61 4.72 -9.45 -10.30
C ILE A 61 5.64 -9.26 -9.09
N PHE A 62 6.54 -8.29 -9.20
CA PHE A 62 7.44 -7.89 -8.11
C PHE A 62 6.94 -6.58 -7.57
N TRP A 63 6.81 -6.50 -6.25
CA TRP A 63 6.59 -5.25 -5.53
C TRP A 63 6.97 -5.47 -4.06
N ALA A 64 7.05 -4.41 -3.26
CA ALA A 64 7.17 -4.60 -1.85
C ALA A 64 5.89 -5.33 -1.37
N HIS A 65 6.01 -5.99 -0.24
CA HIS A 65 4.98 -6.89 0.31
C HIS A 65 3.70 -6.18 0.75
N ASP A 66 3.78 -4.90 1.07
CA ASP A 66 2.61 -4.19 1.51
C ASP A 66 1.40 -4.27 0.56
N ARG A 67 1.62 -4.35 -0.74
CA ARG A 67 0.52 -4.40 -1.65
C ARG A 67 -0.13 -5.76 -1.78
N PHE A 68 0.55 -6.83 -1.41
CA PHE A 68 0.13 -8.19 -1.81
C PHE A 68 -1.14 -8.76 -1.10
N GLY A 69 -1.43 -8.34 0.12
CA GLY A 69 -2.71 -8.72 0.83
C GLY A 69 -3.94 -8.26 0.05
N GLY A 70 -3.91 -7.02 -0.44
CA GLY A 70 -4.94 -6.56 -1.37
C GLY A 70 -5.12 -7.50 -2.52
N TYR A 71 -4.00 -7.88 -3.14
CA TYR A 71 -4.03 -8.70 -4.32
C TYR A 71 -4.62 -10.09 -3.98
N ALA A 72 -4.16 -10.69 -2.89
CA ALA A 72 -4.64 -11.99 -2.43
C ALA A 72 -6.12 -11.96 -2.12
N GLN A 73 -6.56 -10.92 -1.39
CA GLN A 73 -7.94 -10.74 -0.97
C GLN A 73 -8.86 -10.73 -2.20
N SER A 74 -8.46 -10.03 -3.28
CA SER A 74 -9.22 -10.04 -4.53
C SER A 74 -9.03 -11.32 -5.39
N GLY A 75 -8.32 -12.30 -4.86
CA GLY A 75 -8.12 -13.57 -5.54
C GLY A 75 -7.11 -13.61 -6.64
N LEU A 76 -6.19 -12.64 -6.64
CA LEU A 76 -5.30 -12.44 -7.80
C LEU A 76 -3.97 -13.15 -7.69
N LEU A 77 -3.73 -13.85 -6.59
CA LEU A 77 -2.49 -14.58 -6.41
C LEU A 77 -2.64 -16.07 -6.10
N ALA A 78 -1.73 -16.84 -6.68
CA ALA A 78 -1.60 -18.22 -6.36
C ALA A 78 -0.92 -18.38 -4.99
N GLU A 79 -1.43 -19.31 -4.20
CA GLU A 79 -0.83 -19.72 -2.95
C GLU A 79 0.44 -20.44 -3.32
N ILE A 80 1.56 -20.02 -2.77
CA ILE A 80 2.80 -20.69 -3.05
C ILE A 80 3.09 -21.65 -1.88
N THR A 81 3.62 -22.83 -2.20
CA THR A 81 3.79 -23.92 -1.23
C THR A 81 5.20 -24.52 -1.48
N PRO A 82 6.25 -23.75 -1.23
CA PRO A 82 7.54 -24.36 -1.30
C PRO A 82 7.66 -25.38 -0.17
N ASP A 83 8.53 -26.36 -0.36
CA ASP A 83 8.79 -27.35 0.67
C ASP A 83 9.71 -26.73 1.73
N LYS A 84 9.80 -27.44 2.85
CA LYS A 84 10.54 -27.02 4.00
C LYS A 84 12.00 -26.73 3.69
N ALA A 85 12.63 -27.51 2.82
CA ALA A 85 14.04 -27.27 2.54
C ALA A 85 14.24 -25.92 1.89
N PHE A 86 13.29 -25.54 1.04
CA PHE A 86 13.37 -24.24 0.40
C PHE A 86 13.01 -23.14 1.41
N GLN A 87 11.93 -23.32 2.17
CA GLN A 87 11.62 -22.34 3.22
C GLN A 87 12.80 -22.05 4.16
N ASP A 88 13.49 -23.09 4.58
CA ASP A 88 14.62 -22.91 5.49
C ASP A 88 15.78 -22.11 4.91
N LYS A 89 15.84 -21.94 3.60
CA LYS A 89 16.90 -21.14 2.99
C LYS A 89 16.70 -19.61 3.11
N LEU A 90 15.50 -19.17 3.48
CA LEU A 90 15.20 -17.76 3.69
C LEU A 90 14.89 -17.51 5.15
N TYR A 91 15.11 -16.25 5.55
CA TYR A 91 14.87 -15.83 6.92
C TYR A 91 13.39 -15.86 7.25
N PRO A 92 13.02 -16.49 8.36
CA PRO A 92 11.59 -16.55 8.68
C PRO A 92 10.87 -15.24 8.66
N PHE A 93 11.52 -14.13 9.02
CA PHE A 93 10.78 -12.83 9.06
C PHE A 93 10.35 -12.37 7.65
N THR A 94 11.08 -12.83 6.64
CA THR A 94 10.78 -12.49 5.28
C THR A 94 9.55 -13.30 4.84
N TRP A 95 9.49 -14.56 5.23
CA TRP A 95 8.29 -15.38 4.97
C TRP A 95 7.06 -14.79 5.64
N ASP A 96 7.24 -14.25 6.84
CA ASP A 96 6.16 -13.54 7.59
C ASP A 96 5.58 -12.34 6.86
N ALA A 97 6.43 -11.61 6.14
CA ALA A 97 5.97 -10.46 5.40
C ALA A 97 5.05 -10.87 4.22
N VAL A 98 5.16 -12.10 3.74
CA VAL A 98 4.32 -12.54 2.62
C VAL A 98 3.32 -13.58 3.07
N ARG A 99 2.92 -13.55 4.36
CA ARG A 99 1.88 -14.45 4.85
C ARG A 99 0.61 -13.62 5.01
N TYR A 100 -0.49 -14.10 4.42
CA TYR A 100 -1.80 -13.46 4.47
C TYR A 100 -2.88 -14.53 4.68
N ASN A 101 -3.68 -14.36 5.74
CA ASN A 101 -4.70 -15.36 6.15
C ASN A 101 -4.06 -16.77 6.30
N GLY A 102 -2.94 -16.83 7.00
CA GLY A 102 -2.22 -18.08 7.19
C GLY A 102 -1.57 -18.73 5.98
N LYS A 103 -1.81 -18.20 4.76
CA LYS A 103 -1.21 -18.72 3.51
C LYS A 103 -0.04 -17.84 3.02
N LEU A 104 1.01 -18.45 2.53
CA LEU A 104 2.06 -17.77 1.83
C LEU A 104 1.55 -17.35 0.41
N ILE A 105 1.71 -16.07 0.12
CA ILE A 105 1.22 -15.49 -1.13
C ILE A 105 2.26 -14.86 -2.07
N ALA A 106 3.55 -14.98 -1.71
CA ALA A 106 4.63 -14.52 -2.57
C ALA A 106 5.95 -15.07 -2.09
N TYR A 107 6.96 -15.02 -2.94
CA TYR A 107 8.34 -15.33 -2.51
C TYR A 107 9.01 -14.05 -2.11
N PRO A 108 9.55 -13.99 -0.88
CA PRO A 108 10.30 -12.82 -0.49
C PRO A 108 11.64 -12.79 -1.17
N ILE A 109 12.10 -11.60 -1.56
CA ILE A 109 13.43 -11.45 -2.20
C ILE A 109 14.44 -10.67 -1.36
N ALA A 110 14.07 -9.49 -0.88
CA ALA A 110 15.02 -8.57 -0.22
C ALA A 110 14.30 -7.58 0.71
N VAL A 111 14.99 -7.20 1.76
CA VAL A 111 14.47 -6.24 2.72
C VAL A 111 15.04 -4.88 2.40
N GLU A 112 14.17 -3.88 2.40
CA GLU A 112 14.46 -2.51 1.95
C GLU A 112 14.08 -1.57 3.06
N ALA A 113 15.01 -0.71 3.42
CA ALA A 113 14.70 0.47 4.21
C ALA A 113 15.46 1.63 3.67
N LEU A 114 14.91 2.80 3.86
CA LEU A 114 15.54 4.04 3.52
C LEU A 114 16.66 4.34 4.48
N SER A 115 17.69 5.02 3.96
CA SER A 115 18.77 5.54 4.80
C SER A 115 19.02 6.99 4.46
N LEU A 116 19.80 7.66 5.31
CA LEU A 116 20.40 8.96 4.94
C LEU A 116 21.67 8.73 4.11
N ILE A 117 21.71 9.27 2.91
CA ILE A 117 22.84 9.19 2.02
C ILE A 117 23.42 10.59 1.98
N TYR A 118 24.72 10.70 2.25
CA TYR A 118 25.38 11.99 2.34
C TYR A 118 26.71 12.00 1.57
N ASN A 119 27.05 13.19 1.11
CA ASN A 119 28.24 13.42 0.34
C ASN A 119 29.30 13.81 1.34
N LYS A 120 30.29 12.93 1.50
CA LYS A 120 31.38 13.10 2.48
C LYS A 120 32.29 14.27 2.18
N ASP A 121 32.49 14.61 0.92
CA ASP A 121 33.28 15.81 0.58
C ASP A 121 32.58 17.13 0.97
N LEU A 122 31.25 17.14 1.03
CA LEU A 122 30.52 18.35 1.50
C LEU A 122 30.20 18.26 2.99
N LEU A 123 29.97 17.06 3.49
CA LEU A 123 29.48 16.95 4.86
C LEU A 123 30.17 15.75 5.49
N PRO A 124 31.43 15.94 5.97
CA PRO A 124 32.23 14.89 6.60
C PRO A 124 31.52 14.22 7.73
N ASN A 125 30.84 15.03 8.55
CA ASN A 125 29.86 14.54 9.50
C ASN A 125 28.43 14.92 9.22
N PRO A 126 27.61 13.93 8.92
CA PRO A 126 26.20 14.19 8.66
C PRO A 126 25.42 14.58 9.93
N PRO A 127 24.30 15.29 9.78
CA PRO A 127 23.53 15.71 10.96
C PRO A 127 22.81 14.54 11.65
N LYS A 128 22.82 14.55 12.97
CA LYS A 128 22.14 13.60 13.82
C LYS A 128 20.64 13.87 13.99
N THR A 129 20.22 15.11 13.83
CA THR A 129 18.88 15.57 14.06
C THR A 129 18.35 16.29 12.82
N TRP A 130 17.04 16.16 12.58
CA TRP A 130 16.36 16.96 11.59
C TRP A 130 16.44 18.44 11.92
N GLU A 131 16.36 18.73 13.23
CA GLU A 131 16.38 20.12 13.75
C GLU A 131 17.61 20.97 13.32
N GLU A 132 18.77 20.35 13.19
CA GLU A 132 19.98 21.04 12.77
C GLU A 132 20.10 21.29 11.24
N ILE A 133 19.12 20.82 10.47
CA ILE A 133 19.17 20.90 9.02
C ILE A 133 19.01 22.32 8.44
N PRO A 134 18.06 23.11 8.95
CA PRO A 134 17.97 24.48 8.49
C PRO A 134 19.28 25.29 8.56
N ALA A 135 20.01 25.17 9.67
CA ALA A 135 21.24 25.95 9.88
C ALA A 135 22.28 25.36 8.95
N LEU A 136 22.24 24.05 8.82
CA LEU A 136 23.16 23.40 7.91
C LEU A 136 22.94 23.85 6.49
N ASP A 137 21.67 23.92 6.09
CA ASP A 137 21.31 24.46 4.80
C ASP A 137 21.78 25.89 4.58
N LYS A 138 21.64 26.78 5.56
CA LYS A 138 22.06 28.19 5.41
C LYS A 138 23.55 28.28 5.18
N GLU A 139 24.26 27.47 5.95
CA GLU A 139 25.69 27.26 5.82
C GLU A 139 26.10 26.74 4.42
N LEU A 140 25.34 25.80 3.87
CA LEU A 140 25.70 25.24 2.58
C LEU A 140 25.26 26.15 1.45
N LYS A 141 24.21 26.92 1.65
CA LYS A 141 23.75 27.85 0.62
C LYS A 141 24.76 29.00 0.41
N ALA A 142 25.43 29.42 1.47
CA ALA A 142 26.50 30.40 1.37
C ALA A 142 27.68 29.94 0.51
N LYS A 143 27.80 28.63 0.24
CA LYS A 143 28.76 28.04 -0.71
C LYS A 143 28.15 27.48 -1.99
N GLY A 144 26.94 27.88 -2.34
CA GLY A 144 26.29 27.38 -3.53
C GLY A 144 25.78 25.97 -3.54
N LYS A 145 25.44 25.44 -2.37
CA LYS A 145 24.91 24.08 -2.27
C LYS A 145 23.69 24.11 -1.36
N SER A 146 23.07 22.95 -1.18
CA SER A 146 21.93 22.82 -0.32
C SER A 146 22.12 21.59 0.55
N ALA A 147 21.44 21.55 1.66
CA ALA A 147 21.68 20.43 2.61
C ALA A 147 21.05 19.09 2.18
N LEU A 148 19.80 19.14 1.68
CA LEU A 148 18.99 17.93 1.52
C LEU A 148 17.93 18.03 0.43
N MET A 149 17.85 16.97 -0.38
CA MET A 149 16.81 16.83 -1.37
C MET A 149 16.43 15.39 -1.48
N PHE A 150 15.13 15.15 -1.45
CA PHE A 150 14.56 13.84 -1.62
C PHE A 150 13.16 13.93 -2.19
N ASN A 151 12.66 12.80 -2.65
CA ASN A 151 11.40 12.76 -3.34
C ASN A 151 10.23 13.12 -2.39
N LEU A 152 9.60 14.26 -2.60
CA LEU A 152 8.42 14.67 -1.83
C LEU A 152 7.10 14.35 -2.53
N GLN A 153 7.13 13.55 -3.60
CA GLN A 153 5.91 13.17 -4.30
C GLN A 153 5.37 11.82 -3.85
N GLU A 154 6.15 11.08 -3.05
CA GLU A 154 5.79 9.73 -2.67
C GLU A 154 5.95 9.60 -1.17
N PRO A 155 4.87 9.24 -0.47
CA PRO A 155 4.90 9.41 0.98
C PRO A 155 5.85 8.48 1.68
N TYR A 156 6.25 7.41 1.02
CA TYR A 156 7.30 6.50 1.52
C TYR A 156 8.55 7.23 2.05
N PHE A 157 8.93 8.32 1.38
CA PHE A 157 10.13 9.07 1.75
C PHE A 157 9.91 10.03 2.90
N THR A 158 8.69 10.48 3.09
CA THR A 158 8.37 11.47 4.11
C THR A 158 7.87 10.75 5.37
N TRP A 159 7.31 9.54 5.23
CA TRP A 159 6.84 8.76 6.37
C TRP A 159 7.80 8.62 7.58
N PRO A 160 9.10 8.33 7.36
CA PRO A 160 10.01 8.21 8.52
C PRO A 160 9.97 9.43 9.44
N LEU A 161 9.84 10.59 8.87
CA LEU A 161 9.71 11.78 9.68
C LEU A 161 8.33 11.92 10.36
N ILE A 162 7.27 11.65 9.61
CA ILE A 162 5.90 11.71 10.14
C ILE A 162 5.73 10.75 11.28
N ALA A 163 6.37 9.60 11.16
CA ALA A 163 6.24 8.56 12.18
C ALA A 163 7.11 8.78 13.41
N ALA A 164 8.19 9.57 13.28
CA ALA A 164 9.19 9.71 14.34
C ALA A 164 8.60 10.06 15.70
N ASP A 165 7.76 11.12 15.77
CA ASP A 165 7.16 11.60 17.03
C ASP A 165 5.76 11.03 17.38
N GLY A 166 5.34 9.96 16.74
CA GLY A 166 4.11 9.26 17.15
C GLY A 166 3.10 8.93 16.06
N GLY A 167 3.28 9.41 14.83
CA GLY A 167 2.45 9.02 13.69
C GLY A 167 2.57 7.52 13.43
N TYR A 168 1.44 6.87 13.16
CA TYR A 168 1.45 5.46 12.75
C TYR A 168 0.32 5.24 11.78
N ALA A 169 0.38 4.15 11.01
CA ALA A 169 -0.70 3.83 10.06
C ALA A 169 -1.81 3.08 10.83
N PHE A 170 -1.50 1.83 11.20
CA PHE A 170 -2.39 0.96 11.98
C PHE A 170 -1.61 0.49 13.20
N LYS A 171 -2.23 0.47 14.39
CA LYS A 171 -1.52 0.26 15.70
C LYS A 171 -0.89 -1.14 15.86
N TYR A 172 0.44 -1.13 16.13
CA TYR A 172 1.28 -2.23 16.69
C TYR A 172 1.06 -3.61 16.10
N LYS A 176 -1.23 -8.89 16.11
CA LYS A 176 -1.99 -8.37 14.97
C LYS A 176 -2.01 -6.79 14.85
N TYR A 177 -2.61 -6.31 13.77
CA TYR A 177 -2.86 -4.87 13.54
C TYR A 177 -4.28 -4.51 13.83
N ASP A 178 -4.49 -3.62 14.80
CA ASP A 178 -5.80 -2.99 14.95
C ASP A 178 -6.07 -1.97 13.81
N ILE A 179 -6.86 -2.42 12.84
CA ILE A 179 -7.37 -1.59 11.73
C ILE A 179 -8.38 -0.51 12.21
N LYS A 180 -8.97 -0.67 13.40
CA LYS A 180 -9.81 0.38 14.03
C LYS A 180 -9.01 1.63 14.39
N ASP A 181 -7.73 1.46 14.77
CA ASP A 181 -6.90 2.52 15.33
C ASP A 181 -5.83 3.07 14.33
N VAL A 182 -6.18 4.21 13.71
CA VAL A 182 -5.32 4.91 12.75
C VAL A 182 -4.68 6.20 13.35
N GLY A 183 -3.36 6.36 13.19
CA GLY A 183 -2.58 7.49 13.77
C GLY A 183 -2.04 8.46 12.74
N VAL A 184 -2.83 8.74 11.71
CA VAL A 184 -2.42 9.65 10.67
C VAL A 184 -2.61 11.14 11.06
N ASP A 185 -3.61 11.48 11.89
CA ASP A 185 -3.79 12.89 12.27
C ASP A 185 -3.61 13.17 13.78
N ASN A 186 -2.80 12.35 14.45
CA ASN A 186 -2.47 12.56 15.85
C ASN A 186 -1.39 13.66 15.92
N ALA A 187 -0.96 14.08 17.12
CA ALA A 187 -0.10 15.28 17.24
C ALA A 187 1.33 15.00 16.75
N GLY A 188 1.78 13.74 16.94
CA GLY A 188 3.05 13.27 16.49
C GLY A 188 3.18 13.51 14.98
N ALA A 189 2.17 13.04 14.23
CA ALA A 189 2.19 13.13 12.79
C ALA A 189 2.13 14.56 12.36
N LYS A 190 1.33 15.37 13.03
CA LYS A 190 1.23 16.78 12.74
C LYS A 190 2.59 17.49 12.86
N ALA A 191 3.34 17.09 13.88
CA ALA A 191 4.58 17.75 14.22
C ALA A 191 5.61 17.41 13.14
N GLY A 192 5.72 16.13 12.77
CA GLY A 192 6.59 15.67 11.65
C GLY A 192 6.25 16.34 10.33
N LEU A 193 4.98 16.32 9.95
CA LEU A 193 4.60 17.01 8.73
C LEU A 193 4.77 18.53 8.81
N THR A 194 4.52 19.12 9.95
CA THR A 194 4.70 20.58 10.10
C THR A 194 6.19 20.97 9.88
N PHE A 195 7.08 20.23 10.51
CA PHE A 195 8.54 20.39 10.32
C PHE A 195 8.93 20.30 8.82
N LEU A 196 8.32 19.38 8.09
CA LEU A 196 8.55 19.29 6.66
C LEU A 196 8.08 20.51 5.93
N VAL A 197 6.85 20.94 6.20
CA VAL A 197 6.28 22.09 5.50
C VAL A 197 7.06 23.38 5.85
N ASP A 198 7.53 23.47 7.09
CA ASP A 198 8.37 24.60 7.47
C ASP A 198 9.70 24.60 6.67
N LEU A 199 10.32 23.43 6.51
CA LEU A 199 11.49 23.30 5.67
C LEU A 199 11.24 23.96 4.34
N ILE A 200 10.08 23.66 3.75
CA ILE A 200 9.71 24.16 2.40
C ILE A 200 9.42 25.66 2.40
N LYS A 201 8.60 26.08 3.33
CA LYS A 201 8.34 27.50 3.60
C LYS A 201 9.61 28.38 3.72
N ASN A 202 10.58 27.91 4.50
CA ASN A 202 11.82 28.62 4.75
C ASN A 202 12.89 28.38 3.68
N LYS A 203 12.57 27.63 2.62
CA LYS A 203 13.31 27.54 1.36
C LYS A 203 14.43 26.55 1.45
N HIS A 204 14.43 25.75 2.52
CA HIS A 204 15.37 24.63 2.66
C HIS A 204 15.06 23.45 1.71
N MET A 205 13.81 23.34 1.26
CA MET A 205 13.37 22.34 0.25
C MET A 205 12.32 22.94 -0.66
N ASN A 206 12.01 22.27 -1.75
CA ASN A 206 11.10 22.75 -2.77
C ASN A 206 10.02 21.67 -2.95
N ALA A 207 8.77 22.06 -2.86
CA ALA A 207 7.66 21.10 -2.84
C ALA A 207 7.50 20.26 -4.11
N ASP A 208 8.09 20.74 -5.23
CA ASP A 208 8.05 20.02 -6.49
C ASP A 208 9.16 18.99 -6.67
N THR A 209 10.08 18.91 -5.73
CA THR A 209 11.17 17.94 -5.86
C THR A 209 10.62 16.54 -5.89
N ASP A 210 11.09 15.77 -6.89
CA ASP A 210 10.65 14.42 -7.10
C ASP A 210 11.88 13.48 -7.11
N TYR A 211 11.66 12.20 -7.46
CA TYR A 211 12.71 11.23 -7.51
C TYR A 211 13.88 11.64 -8.37
N SER A 212 13.58 12.02 -9.61
CA SER A 212 14.62 12.39 -10.59
C SER A 212 15.41 13.61 -10.23
N ILE A 213 14.72 14.66 -9.81
CA ILE A 213 15.39 15.90 -9.45
C ILE A 213 16.35 15.67 -8.24
N ALA A 214 15.87 15.02 -7.17
CA ALA A 214 16.74 14.74 -6.02
C ALA A 214 17.95 13.88 -6.38
N GLU A 215 17.71 12.86 -7.20
CA GLU A 215 18.75 11.98 -7.69
C GLU A 215 19.79 12.75 -8.51
N ALA A 216 19.36 13.63 -9.41
CA ALA A 216 20.27 14.38 -10.27
C ALA A 216 21.07 15.36 -9.43
N ALA A 217 20.43 16.05 -8.51
CA ALA A 217 21.10 17.00 -7.64
C ALA A 217 22.15 16.36 -6.73
N PHE A 218 21.84 15.20 -6.16
CA PHE A 218 22.80 14.52 -5.29
C PHE A 218 23.93 13.97 -6.13
N ASN A 219 23.60 13.28 -7.19
CA ASN A 219 24.58 12.61 -8.03
C ASN A 219 25.52 13.58 -8.83
N LYS A 220 25.14 14.84 -9.01
CA LYS A 220 26.05 15.89 -9.48
C LYS A 220 26.69 16.74 -8.33
N GLY A 221 26.51 16.38 -7.06
CA GLY A 221 27.10 17.12 -5.95
C GLY A 221 26.54 18.50 -5.64
N GLU A 222 25.27 18.75 -5.99
CA GLU A 222 24.64 20.06 -5.67
C GLU A 222 24.03 20.06 -4.27
N THR A 223 23.66 18.90 -3.76
CA THR A 223 23.01 18.83 -2.47
C THR A 223 23.80 17.82 -1.70
N ALA A 224 23.92 18.07 -0.42
CA ALA A 224 24.81 17.28 0.45
C ALA A 224 24.20 15.99 0.97
N MET A 225 22.86 15.87 0.84
CA MET A 225 22.14 14.72 1.34
C MET A 225 20.90 14.38 0.52
N THR A 226 20.60 13.08 0.43
CA THR A 226 19.30 12.61 -0.02
C THR A 226 18.83 11.46 0.88
N ILE A 227 17.62 10.98 0.59
CA ILE A 227 16.98 9.88 1.32
C ILE A 227 16.54 8.88 0.28
N ASN A 228 17.09 7.71 0.36
CA ASN A 228 16.77 6.74 -0.64
C ASN A 228 17.12 5.36 -0.20
N GLY A 229 16.68 4.40 -0.99
CA GLY A 229 16.92 3.01 -0.72
C GLY A 229 18.13 2.44 -1.47
N PRO A 230 18.50 1.20 -1.15
CA PRO A 230 19.68 0.55 -1.74
C PRO A 230 19.75 0.56 -3.28
N TRP A 231 18.59 0.51 -3.91
CA TRP A 231 18.48 0.50 -5.34
C TRP A 231 19.20 1.68 -5.93
N ALA A 232 19.23 2.80 -5.20
CA ALA A 232 19.84 4.00 -5.68
C ALA A 232 21.38 4.00 -5.75
N TRP A 233 22.04 3.08 -5.05
CA TRP A 233 23.49 3.21 -4.83
C TRP A 233 24.32 3.12 -6.11
N SER A 234 23.84 2.38 -7.11
CA SER A 234 24.57 2.11 -8.38
C SER A 234 24.83 3.37 -9.15
N ASN A 235 23.79 4.17 -9.28
CA ASN A 235 23.91 5.44 -9.96
C ASN A 235 24.81 6.42 -9.23
N ILE A 236 24.89 6.30 -7.92
CA ILE A 236 25.81 7.16 -7.19
C ILE A 236 27.25 6.66 -7.42
N ASP A 237 27.45 5.36 -7.47
CA ASP A 237 28.78 4.81 -7.77
C ASP A 237 29.32 5.35 -9.10
N THR A 238 28.47 5.26 -10.11
CA THR A 238 28.70 5.81 -11.45
C THR A 238 29.07 7.30 -11.48
N SER A 239 28.51 8.10 -10.57
CA SER A 239 28.75 9.52 -10.52
C SER A 239 30.05 10.00 -9.80
N ALA A 240 30.79 9.09 -9.16
CA ALA A 240 32.03 9.47 -8.41
C ALA A 240 31.83 10.37 -7.19
N VAL A 241 30.59 10.50 -6.70
CA VAL A 241 30.37 11.18 -5.43
C VAL A 241 30.96 10.26 -4.37
N ASN A 242 31.63 10.86 -3.41
CA ASN A 242 32.17 10.11 -2.27
C ASN A 242 31.01 10.11 -1.24
N TYR A 243 30.25 9.03 -1.14
CA TYR A 243 29.07 9.06 -0.30
C TYR A 243 29.16 8.12 0.85
N GLY A 244 28.35 8.41 1.85
CA GLY A 244 28.16 7.48 2.96
C GLY A 244 26.67 7.19 3.05
N VAL A 245 26.35 6.03 3.64
CA VAL A 245 24.99 5.61 3.94
C VAL A 245 24.94 5.44 5.45
N THR A 246 24.01 6.13 6.13
CA THR A 246 23.98 6.21 7.57
C THR A 246 22.55 6.23 8.11
N VAL A 247 22.46 6.32 9.42
CA VAL A 247 21.21 6.39 10.17
C VAL A 247 20.47 7.68 9.87
N LEU A 248 19.16 7.60 9.74
CA LEU A 248 18.35 8.78 9.48
C LEU A 248 18.42 9.73 10.69
N PRO A 249 18.21 11.04 10.46
CA PRO A 249 18.25 11.93 11.61
C PRO A 249 17.06 11.67 12.51
N THR A 250 17.23 12.04 13.76
CA THR A 250 16.17 11.99 14.72
C THR A 250 15.30 13.25 14.61
N PHE A 251 14.08 13.14 15.12
CA PHE A 251 13.18 14.24 15.25
C PHE A 251 12.65 14.25 16.67
N LYS A 252 12.66 15.41 17.32
CA LYS A 252 12.29 15.59 18.73
C LYS A 252 12.92 14.51 19.60
N GLY A 253 14.18 14.21 19.30
CA GLY A 253 14.95 13.22 20.01
C GLY A 253 14.66 11.78 19.68
N GLN A 254 13.75 11.52 18.77
CA GLN A 254 13.29 10.15 18.50
C GLN A 254 13.74 9.70 17.09
N PRO A 255 13.99 8.38 16.90
CA PRO A 255 14.46 7.90 15.58
C PRO A 255 13.39 8.10 14.53
N SER A 256 13.84 8.41 13.32
CA SER A 256 13.00 8.40 12.14
C SER A 256 12.66 6.96 11.90
N LYS A 257 11.42 6.67 11.53
CA LYS A 257 10.94 5.26 11.50
C LYS A 257 10.47 4.94 10.10
N PRO A 258 11.35 4.42 9.24
CA PRO A 258 10.88 4.13 7.88
C PRO A 258 10.04 2.91 7.91
N PHE A 259 9.04 2.87 7.04
CA PHE A 259 8.26 1.68 6.71
C PHE A 259 9.12 0.76 5.87
N VAL A 260 9.41 -0.43 6.39
CA VAL A 260 10.34 -1.38 5.80
C VAL A 260 9.55 -2.26 4.85
N GLY A 261 10.11 -2.51 3.66
CA GLY A 261 9.46 -3.31 2.62
C GLY A 261 10.30 -4.54 2.38
N VAL A 262 9.63 -5.62 2.01
CA VAL A 262 10.25 -6.84 1.53
C VAL A 262 9.82 -6.98 0.09
N LEU A 263 10.79 -6.78 -0.79
CA LEU A 263 10.57 -6.95 -2.20
C LEU A 263 10.19 -8.40 -2.39
N SER A 264 9.12 -8.63 -3.15
CA SER A 264 8.46 -9.93 -3.17
C SER A 264 7.91 -10.22 -4.55
N ALA A 265 7.82 -11.52 -4.87
CA ALA A 265 7.48 -11.98 -6.17
C ALA A 265 6.25 -12.88 -6.06
N GLY A 266 5.12 -12.43 -6.57
CA GLY A 266 3.89 -13.24 -6.56
C GLY A 266 3.53 -13.76 -7.95
N ILE A 267 2.79 -14.85 -7.96
CA ILE A 267 2.37 -15.53 -9.20
C ILE A 267 0.86 -15.30 -9.42
N ASN A 268 0.52 -14.83 -10.61
CA ASN A 268 -0.84 -14.43 -10.98
C ASN A 268 -1.78 -15.64 -10.90
N ALA A 269 -2.91 -15.50 -10.23
CA ALA A 269 -3.85 -16.64 -10.19
C ALA A 269 -4.33 -17.09 -11.61
N ALA A 270 -4.41 -16.15 -12.55
CA ALA A 270 -4.80 -16.48 -13.92
C ALA A 270 -3.66 -17.05 -14.77
N SER A 271 -2.48 -17.29 -14.19
CA SER A 271 -1.38 -17.75 -15.00
C SER A 271 -1.55 -19.25 -15.30
N PRO A 272 -1.43 -19.63 -16.59
CA PRO A 272 -1.29 -21.05 -16.90
C PRO A 272 0.16 -21.56 -16.80
N ASN A 273 1.09 -20.76 -16.28
CA ASN A 273 2.50 -21.16 -16.22
C ASN A 273 3.02 -21.22 -14.81
N LYS A 274 2.21 -21.64 -13.87
CA LYS A 274 2.58 -21.59 -12.46
C LYS A 274 3.79 -22.45 -12.10
N GLU A 275 3.90 -23.67 -12.64
CA GLU A 275 5.07 -24.54 -12.37
C GLU A 275 6.35 -23.95 -12.91
N LEU A 276 6.24 -23.25 -14.04
CA LEU A 276 7.35 -22.56 -14.63
C LEU A 276 7.83 -21.38 -13.76
N ALA A 277 6.88 -20.56 -13.32
CA ALA A 277 7.18 -19.44 -12.42
C ALA A 277 7.80 -19.91 -11.06
N LYS A 278 7.20 -20.93 -10.45
CA LYS A 278 7.72 -21.52 -9.22
C LYS A 278 9.18 -22.00 -9.39
N GLU A 279 9.42 -22.72 -10.48
CA GLU A 279 10.75 -23.23 -10.85
C GLU A 279 11.74 -22.08 -11.09
N PHE A 280 11.30 -21.06 -11.84
CA PHE A 280 12.13 -19.87 -12.06
C PHE A 280 12.56 -19.26 -10.76
N LEU A 281 11.55 -18.96 -9.90
CA LEU A 281 11.81 -18.16 -8.72
C LEU A 281 12.60 -18.95 -7.71
N GLU A 282 12.22 -20.20 -7.48
CA GLU A 282 12.91 -21.00 -6.46
C GLU A 282 14.30 -21.39 -6.84
N ASN A 283 14.47 -21.84 -8.09
CA ASN A 283 15.71 -22.50 -8.56
C ASN A 283 16.60 -21.71 -9.51
N TYR A 284 16.17 -20.55 -9.98
CA TYR A 284 17.06 -19.66 -10.72
C TYR A 284 17.24 -18.31 -9.99
N LEU A 285 16.13 -17.62 -9.61
CA LEU A 285 16.27 -16.29 -8.95
C LEU A 285 16.84 -16.38 -7.53
N LEU A 286 16.20 -17.20 -6.70
CA LEU A 286 16.55 -17.26 -5.26
C LEU A 286 17.70 -18.24 -4.98
N THR A 287 18.80 -17.97 -5.68
CA THR A 287 20.06 -18.64 -5.56
C THR A 287 21.13 -17.54 -5.41
N ASP A 288 22.30 -17.89 -4.88
CA ASP A 288 23.47 -16.96 -4.81
C ASP A 288 23.71 -16.25 -6.14
N GLU A 289 23.65 -17.02 -7.21
CA GLU A 289 24.00 -16.48 -8.54
C GLU A 289 22.86 -15.68 -9.14
N GLY A 290 21.63 -16.08 -8.87
CA GLY A 290 20.47 -15.34 -9.37
C GLY A 290 20.39 -13.96 -8.73
N LEU A 291 20.55 -13.92 -7.42
CA LEU A 291 20.41 -12.65 -6.71
C LEU A 291 21.61 -11.73 -6.99
N GLU A 292 22.79 -12.34 -7.18
CA GLU A 292 23.96 -11.56 -7.56
C GLU A 292 23.74 -10.83 -8.86
N ALA A 293 23.28 -11.56 -9.85
CA ALA A 293 23.01 -10.96 -11.15
C ALA A 293 22.08 -9.75 -11.00
N VAL A 294 21.06 -9.83 -10.13
CA VAL A 294 20.15 -8.68 -9.97
C VAL A 294 20.82 -7.53 -9.17
N ASN A 295 21.41 -7.91 -8.05
CA ASN A 295 22.12 -7.00 -7.17
C ASN A 295 23.21 -6.13 -7.83
N LYS A 296 23.97 -6.71 -8.75
CA LYS A 296 24.99 -6.01 -9.56
C LYS A 296 24.38 -5.02 -10.54
N ASP A 297 23.17 -5.24 -10.99
CA ASP A 297 22.47 -4.22 -11.77
C ASP A 297 22.03 -3.11 -10.81
N LYS A 298 21.18 -3.44 -9.83
CA LYS A 298 20.74 -2.44 -8.79
C LYS A 298 20.69 -3.11 -7.44
N PRO A 299 21.38 -2.54 -6.41
CA PRO A 299 21.41 -3.34 -5.17
C PRO A 299 20.05 -3.61 -4.53
N LEU A 300 19.90 -4.84 -4.06
CA LEU A 300 18.62 -5.34 -3.59
C LEU A 300 18.34 -4.96 -2.09
N GLY A 301 19.39 -4.68 -1.34
CA GLY A 301 19.27 -4.44 0.12
C GLY A 301 19.73 -5.69 0.83
N ALA A 302 19.12 -6.01 1.98
CA ALA A 302 19.44 -7.24 2.67
C ALA A 302 18.57 -8.38 2.13
N VAL A 303 19.19 -9.25 1.36
CA VAL A 303 18.44 -10.28 0.65
C VAL A 303 17.85 -11.34 1.61
N ALA A 304 16.73 -11.92 1.21
CA ALA A 304 16.04 -12.93 2.04
C ALA A 304 16.80 -14.26 2.16
N LEU A 305 17.67 -14.52 1.22
CA LEU A 305 18.33 -15.80 1.09
C LEU A 305 19.57 -15.75 2.00
N LYS A 306 19.58 -16.64 3.01
CA LYS A 306 20.60 -16.62 4.07
C LYS A 306 21.98 -16.75 3.52
N SER A 307 22.21 -17.72 2.64
CA SER A 307 23.56 -17.92 2.12
C SER A 307 24.16 -16.64 1.51
N TYR A 308 23.36 -15.89 0.75
CA TYR A 308 23.92 -14.71 0.05
C TYR A 308 23.90 -13.47 0.94
N GLU A 309 22.97 -13.39 1.89
CA GLU A 309 22.95 -12.31 2.85
C GLU A 309 24.22 -12.27 3.72
N GLU A 310 24.74 -13.44 4.07
CA GLU A 310 26.03 -13.52 4.79
C GLU A 310 27.19 -12.80 4.07
N GLU A 311 27.34 -12.97 2.76
CA GLU A 311 28.38 -12.24 2.00
C GLU A 311 28.11 -10.72 2.02
N LEU A 312 26.87 -10.34 1.74
CA LEU A 312 26.51 -8.93 1.67
C LEU A 312 26.51 -8.23 3.01
N ALA A 313 26.30 -8.97 4.12
CA ALA A 313 26.19 -8.39 5.48
C ALA A 313 27.43 -7.58 5.94
N LYS A 314 28.60 -7.94 5.42
CA LYS A 314 29.89 -7.29 5.61
C LYS A 314 29.94 -5.82 5.13
N ASP A 315 29.06 -5.49 4.18
CA ASP A 315 29.05 -4.18 3.57
C ASP A 315 28.38 -3.20 4.52
N PRO A 316 29.10 -2.12 4.88
CA PRO A 316 28.51 -1.18 5.84
C PRO A 316 27.24 -0.46 5.35
N ARG A 317 27.03 -0.38 4.04
CA ARG A 317 25.81 0.25 3.51
C ARG A 317 24.60 -0.67 3.80
N ILE A 318 24.82 -1.98 3.78
CA ILE A 318 23.78 -2.92 4.24
C ILE A 318 23.56 -2.80 5.76
N ALA A 319 24.63 -2.66 6.54
CA ALA A 319 24.52 -2.56 7.99
C ALA A 319 23.68 -1.35 8.33
N ALA A 320 23.98 -0.22 7.69
CA ALA A 320 23.18 0.97 7.85
C ALA A 320 21.71 0.77 7.37
N THR A 321 21.49 0.01 6.32
CA THR A 321 20.11 -0.27 5.91
C THR A 321 19.34 -1.05 7.00
N MET A 322 19.96 -2.10 7.53
CA MET A 322 19.39 -2.86 8.68
C MET A 322 19.22 -2.05 9.98
N GLU A 323 20.11 -1.11 10.23
CA GLU A 323 19.96 -0.26 11.38
C GLU A 323 18.75 0.66 11.23
N ASN A 324 18.57 1.21 10.03
CA ASN A 324 17.36 2.00 9.81
C ASN A 324 16.08 1.13 9.87
N ALA A 325 16.18 -0.11 9.39
CA ALA A 325 15.08 -1.07 9.40
C ALA A 325 14.62 -1.40 10.83
N GLN A 326 15.61 -1.70 11.68
CA GLN A 326 15.41 -2.01 13.10
C GLN A 326 14.69 -0.90 13.83
N LYS A 327 14.99 0.37 13.49
CA LYS A 327 14.30 1.51 14.11
C LYS A 327 12.93 1.82 13.52
N GLY A 328 12.65 1.24 12.35
CA GLY A 328 11.36 1.35 11.70
C GLY A 328 10.47 0.16 11.97
N GLU A 329 9.49 -0.05 11.08
CA GLU A 329 8.51 -1.09 11.25
C GLU A 329 8.27 -1.77 9.91
N ILE A 330 8.13 -3.09 9.97
CA ILE A 330 7.71 -3.86 8.82
C ILE A 330 6.32 -3.37 8.34
N MET A 331 6.17 -3.05 7.07
CA MET A 331 4.89 -2.61 6.61
C MET A 331 3.82 -3.69 6.86
N PRO A 332 2.63 -3.26 7.24
CA PRO A 332 1.54 -4.24 7.18
C PRO A 332 1.28 -4.65 5.73
N ASN A 333 0.59 -5.76 5.54
CA ASN A 333 0.17 -6.18 4.20
C ASN A 333 -1.30 -6.20 4.06
N ILE A 334 -2.00 -5.61 5.01
CA ILE A 334 -3.46 -5.66 4.99
C ILE A 334 -4.06 -4.94 3.74
N PRO A 335 -5.28 -5.34 3.35
CA PRO A 335 -5.85 -4.83 2.10
C PRO A 335 -5.98 -3.32 2.03
N GLN A 336 -6.06 -2.68 3.19
CA GLN A 336 -6.20 -1.26 3.29
C GLN A 336 -4.92 -0.40 3.16
N MET A 337 -3.77 -1.04 3.04
CA MET A 337 -2.53 -0.36 2.82
C MET A 337 -2.57 0.60 1.64
N SER A 338 -3.20 0.17 0.55
CA SER A 338 -3.28 0.99 -0.68
C SER A 338 -4.01 2.31 -0.42
N ALA A 339 -5.09 2.24 0.37
CA ALA A 339 -5.89 3.43 0.65
C ALA A 339 -5.16 4.32 1.62
N PHE A 340 -4.51 3.72 2.63
CA PHE A 340 -3.65 4.48 3.52
C PHE A 340 -2.64 5.35 2.71
N TRP A 341 -1.93 4.70 1.79
CA TRP A 341 -0.84 5.34 1.03
C TRP A 341 -1.38 6.45 0.09
N TYR A 342 -2.49 6.15 -0.56
CA TYR A 342 -3.10 7.12 -1.43
C TYR A 342 -3.54 8.35 -0.63
N ALA A 343 -4.07 8.12 0.58
CA ALA A 343 -4.52 9.22 1.41
C ALA A 343 -3.31 10.08 1.88
N VAL A 344 -2.30 9.42 2.41
CA VAL A 344 -1.12 10.13 2.87
C VAL A 344 -0.33 10.81 1.72
N ARG A 345 -0.30 10.23 0.52
CA ARG A 345 0.33 10.89 -0.63
C ARG A 345 -0.31 12.24 -0.89
N THR A 346 -1.64 12.24 -0.91
CA THR A 346 -2.39 13.44 -1.14
C THR A 346 -2.16 14.44 -0.02
N ALA A 347 -2.12 13.99 1.22
CA ALA A 347 -1.93 14.91 2.32
C ALA A 347 -0.55 15.60 2.28
N VAL A 348 0.48 14.85 1.92
CA VAL A 348 1.79 15.43 1.91
C VAL A 348 1.92 16.42 0.75
N ILE A 349 1.53 15.99 -0.43
CA ILE A 349 1.54 16.91 -1.57
C ILE A 349 0.79 18.21 -1.28
N ASN A 350 -0.44 18.12 -0.78
CA ASN A 350 -1.22 19.34 -0.51
C ASN A 350 -0.66 20.22 0.61
N ALA A 351 -0.15 19.62 1.67
CA ALA A 351 0.46 20.42 2.73
C ALA A 351 1.71 21.15 2.20
N ALA A 352 2.49 20.42 1.43
CA ALA A 352 3.76 20.91 0.93
C ALA A 352 3.58 22.03 -0.04
N SER A 353 2.48 22.00 -0.80
CA SER A 353 2.23 23.01 -1.82
C SER A 353 1.42 24.15 -1.27
N GLY A 354 0.92 24.01 -0.05
CA GLY A 354 0.03 25.00 0.54
C GLY A 354 -1.45 24.88 0.16
N ARG A 355 -1.84 23.92 -0.69
CA ARG A 355 -3.27 23.75 -1.00
C ARG A 355 -4.17 23.50 0.25
N GLN A 356 -3.67 22.76 1.21
CA GLN A 356 -4.31 22.67 2.48
C GLN A 356 -3.27 22.93 3.52
N THR A 357 -3.74 23.28 4.70
CA THR A 357 -2.89 23.34 5.92
C THR A 357 -2.59 21.93 6.34
N VAL A 358 -1.64 21.78 7.26
CA VAL A 358 -1.28 20.51 7.83
C VAL A 358 -2.50 19.85 8.49
N ASP A 359 -3.24 20.62 9.29
CA ASP A 359 -4.43 20.12 10.01
C ASP A 359 -5.47 19.58 9.03
N GLU A 360 -5.80 20.35 7.99
CA GLU A 360 -6.76 19.92 6.94
C GLU A 360 -6.25 18.67 6.15
N ALA A 361 -4.95 18.63 5.83
CA ALA A 361 -4.47 17.58 4.96
C ALA A 361 -4.51 16.25 5.71
N LEU A 362 -4.02 16.25 6.95
CA LEU A 362 -4.00 15.07 7.77
C LEU A 362 -5.40 14.64 8.29
N LYS A 363 -6.31 15.59 8.49
CA LYS A 363 -7.72 15.24 8.82
C LYS A 363 -8.31 14.38 7.65
N ASP A 364 -8.20 14.89 6.43
CA ASP A 364 -8.63 14.20 5.22
C ASP A 364 -7.94 12.88 5.04
N ALA A 365 -6.65 12.84 5.38
CA ALA A 365 -5.93 11.58 5.28
C ALA A 365 -6.48 10.56 6.24
N GLN A 366 -6.81 11.00 7.45
CA GLN A 366 -7.33 10.12 8.49
C GLN A 366 -8.70 9.50 8.04
N THR A 367 -9.57 10.37 7.52
CA THR A 367 -10.88 10.00 7.02
C THR A 367 -10.73 8.99 5.93
N GLY A 368 -9.88 9.31 4.96
CA GLY A 368 -9.54 8.32 3.91
C GLY A 368 -8.98 6.99 4.41
N SER A 369 -8.05 7.05 5.36
CA SER A 369 -7.51 5.78 5.89
C SER A 369 -8.55 4.95 6.69
N GLU A 370 -9.53 5.62 7.32
CA GLU A 370 -10.58 4.91 8.10
C GLU A 370 -11.79 4.52 7.22
N LEU A 371 -11.80 4.90 5.95
CA LEU A 371 -13.05 4.94 5.23
C LEU A 371 -13.60 3.56 5.06
N TYR A 372 -12.73 2.63 4.69
CA TYR A 372 -13.17 1.28 4.44
C TYR A 372 -13.76 0.67 5.73
N ARG A 373 -13.02 0.64 6.80
CA ARG A 373 -13.44 -0.06 8.00
C ARG A 373 -14.74 0.54 8.49
N GLN A 374 -14.82 1.87 8.46
CA GLN A 374 -15.96 2.55 8.95
C GLN A 374 -17.23 2.27 8.11
N SER A 375 -17.09 2.28 6.78
CA SER A 375 -18.19 2.00 5.90
C SER A 375 -18.71 0.57 6.10
N LEU A 376 -17.79 -0.41 6.21
CA LEU A 376 -18.10 -1.81 6.47
C LEU A 376 -18.90 -1.98 7.77
N GLU A 377 -18.38 -1.40 8.85
CA GLU A 377 -19.04 -1.33 10.13
C GLU A 377 -20.54 -0.95 9.99
N ILE A 378 -20.80 0.12 9.27
CA ILE A 378 -22.13 0.67 9.17
C ILE A 378 -23.01 -0.21 8.30
N ILE A 379 -22.47 -0.54 7.14
CA ILE A 379 -23.15 -1.33 6.17
C ILE A 379 -23.44 -2.73 6.71
N SER A 380 -22.45 -3.34 7.34
CA SER A 380 -22.60 -4.67 7.83
C SER A 380 -23.70 -4.72 8.90
N ARG A 381 -23.70 -3.72 9.79
CA ARG A 381 -24.64 -3.71 10.90
C ARG A 381 -26.02 -3.52 10.36
N TYR A 382 -26.17 -2.66 9.34
CA TYR A 382 -27.50 -2.41 8.81
C TYR A 382 -28.11 -3.69 8.18
N LEU A 383 -27.32 -4.38 7.36
CA LEU A 383 -27.80 -5.56 6.66
C LEU A 383 -28.15 -6.67 7.61
N ARG A 384 -27.29 -6.88 8.62
CA ARG A 384 -27.55 -7.90 9.59
C ARG A 384 -28.79 -7.62 10.46
N GLU A 385 -28.95 -6.41 10.97
CA GLU A 385 -30.09 -6.11 11.81
C GLU A 385 -31.42 -6.10 11.02
N GLN A 386 -31.33 -5.77 9.75
CA GLN A 386 -32.45 -5.81 8.87
C GLN A 386 -32.93 -7.27 8.67
N ALA A 387 -31.96 -8.15 8.51
CA ALA A 387 -32.20 -9.55 8.23
C ALA A 387 -32.74 -10.29 9.44
N THR A 388 -32.22 -9.98 10.63
CA THR A 388 -32.57 -10.75 11.81
C THR A 388 -33.66 -10.12 12.71
N GLY A 389 -33.88 -8.83 12.55
CA GLY A 389 -34.74 -8.06 13.42
C GLY A 389 -34.10 -7.47 14.67
N ALA A 390 -32.80 -7.70 14.87
CA ALA A 390 -32.15 -7.27 16.12
C ALA A 390 -30.80 -6.62 15.86
N ALA A 391 -30.51 -5.56 16.59
CA ALA A 391 -29.24 -4.83 16.40
C ALA A 391 -28.06 -5.58 17.02
N ASP A 392 -26.86 -5.23 16.53
CA ASP A 392 -25.62 -5.79 17.03
C ASP A 392 -25.28 -5.06 18.32
N THR A 393 -25.07 -5.83 19.39
CA THR A 393 -24.84 -5.26 20.72
C THR A 393 -23.43 -4.64 20.88
N ALA A 394 -22.47 -5.16 20.13
CA ALA A 394 -21.07 -4.76 20.33
C ALA A 394 -20.81 -3.26 20.09
N PRO A 395 -19.89 -2.68 20.88
CA PRO A 395 -19.53 -1.28 20.76
C PRO A 395 -19.06 -0.90 19.35
N MET A 396 -19.45 0.30 18.96
CA MET A 396 -19.05 0.86 17.67
C MET A 396 -17.54 1.08 17.54
N GLY A 397 -16.87 1.34 18.67
CA GLY A 397 -15.41 1.54 18.72
C GLY A 397 -15.01 2.98 18.45
N ALA A 398 -13.82 3.15 17.89
CA ALA A 398 -13.31 4.47 17.46
C ALA A 398 -14.18 5.04 16.34
N SER A 399 -14.34 6.37 16.38
CA SER A 399 -15.29 7.15 15.53
C SER A 399 -16.75 6.66 15.68
N GLY A 400 -17.05 6.17 16.88
CA GLY A 400 -18.28 5.48 17.19
C GLY A 400 -19.46 6.40 17.12
N ALA A 401 -19.26 7.68 17.44
CA ALA A 401 -20.35 8.64 17.35
C ALA A 401 -20.85 8.78 15.90
N THR A 402 -19.90 8.87 14.97
CA THR A 402 -20.20 8.99 13.55
C THR A 402 -20.94 7.74 13.06
N SER A 403 -20.38 6.58 13.38
CA SER A 403 -20.92 5.30 12.94
C SER A 403 -22.36 5.11 13.41
N ARG A 404 -22.57 5.41 14.70
CA ARG A 404 -23.86 5.29 15.32
C ARG A 404 -24.91 6.22 14.69
N LYS A 405 -24.51 7.44 14.36
CA LYS A 405 -25.45 8.40 13.75
C LYS A 405 -25.66 8.09 12.28
N ALA A 406 -24.63 7.56 11.61
CA ALA A 406 -24.82 7.16 10.24
C ALA A 406 -25.82 6.00 10.16
N LEU A 407 -25.66 5.06 11.08
CA LEU A 407 -26.55 3.89 11.18
C LEU A 407 -27.99 4.33 11.45
N GLU A 408 -28.17 5.29 12.36
CA GLU A 408 -29.50 5.85 12.66
C GLU A 408 -30.05 6.59 11.49
N THR A 409 -29.19 7.31 10.78
CA THR A 409 -29.62 7.99 9.57
C THR A 409 -30.06 6.99 8.57
N LEU A 410 -29.23 5.97 8.38
CA LEU A 410 -29.50 4.95 7.37
C LEU A 410 -30.78 4.16 7.69
N ARG A 411 -31.03 3.87 8.97
CA ARG A 411 -32.27 3.21 9.38
C ARG A 411 -33.47 3.98 8.87
N ARG A 412 -33.47 5.29 9.05
CA ARG A 412 -34.58 6.12 8.58
C ARG A 412 -34.65 6.17 7.08
N VAL A 413 -33.55 6.50 6.44
CA VAL A 413 -33.61 6.71 5.02
C VAL A 413 -33.72 5.39 4.23
N GLY A 414 -32.92 4.38 4.61
CA GLY A 414 -32.97 3.07 3.96
C GLY A 414 -34.30 2.33 4.11
N ASP A 415 -34.92 2.40 5.26
CA ASP A 415 -36.23 1.72 5.41
C ASP A 415 -37.29 2.32 4.50
N GLY A 416 -37.26 3.66 4.42
CA GLY A 416 -38.09 4.45 3.48
C GLY A 416 -37.87 4.06 2.02
N VAL A 417 -36.61 3.88 1.60
CA VAL A 417 -36.36 3.41 0.25
C VAL A 417 -36.93 1.99 0.02
N GLN A 418 -36.65 1.07 0.92
CA GLN A 418 -37.18 -0.29 0.82
C GLN A 418 -38.73 -0.35 0.76
N ARG A 419 -39.38 0.51 1.52
CA ARG A 419 -40.82 0.54 1.60
C ARG A 419 -41.39 1.15 0.32
N ASN A 420 -40.92 2.32 -0.05
CA ASN A 420 -41.42 2.99 -1.24
C ASN A 420 -41.04 2.26 -2.51
N HIS A 421 -39.86 1.64 -2.54
CA HIS A 421 -39.43 0.95 -3.78
C HIS A 421 -39.53 -0.58 -3.71
N GLU A 422 -40.44 -1.09 -2.86
CA GLU A 422 -40.69 -2.54 -2.71
C GLU A 422 -40.86 -3.27 -4.06
N THR A 423 -41.72 -2.73 -4.94
CA THR A 423 -42.07 -3.31 -6.23
C THR A 423 -40.84 -3.68 -7.04
N ALA A 424 -40.00 -2.68 -7.25
CA ALA A 424 -38.85 -2.84 -8.11
C ALA A 424 -37.83 -3.72 -7.41
N PHE A 425 -37.72 -3.58 -6.07
CA PHE A 425 -36.80 -4.42 -5.30
C PHE A 425 -37.24 -5.87 -5.40
N GLN A 426 -38.54 -6.12 -5.20
CA GLN A 426 -39.09 -7.46 -5.35
C GLN A 426 -38.83 -7.96 -6.76
N GLY A 427 -39.18 -7.14 -7.74
CA GLY A 427 -38.93 -7.45 -9.15
C GLY A 427 -37.52 -7.90 -9.52
N MET A 428 -36.52 -7.08 -9.19
CA MET A 428 -35.15 -7.43 -9.52
C MET A 428 -34.63 -8.55 -8.67
N LEU A 429 -35.08 -8.63 -7.43
CA LEU A 429 -34.71 -9.78 -6.56
C LEU A 429 -35.23 -11.08 -7.20
N ARG A 430 -36.53 -11.07 -7.54
CA ARG A 430 -37.21 -12.23 -8.16
C ARG A 430 -36.52 -12.67 -9.49
N LYS A 431 -36.18 -11.68 -10.33
CA LYS A 431 -35.44 -11.92 -11.59
C LYS A 431 -34.15 -12.70 -11.34
N LEU A 432 -33.27 -12.13 -10.53
CA LEU A 432 -32.01 -12.78 -10.15
C LEU A 432 -32.41 -14.02 -9.35
N ASP A 433 -31.61 -15.06 -9.32
CA ASP A 433 -32.16 -16.21 -8.65
C ASP A 433 -31.27 -16.68 -7.56
N ILE A 434 -31.32 -15.91 -6.50
CA ILE A 434 -30.41 -16.07 -5.42
C ILE A 434 -30.90 -17.31 -4.70
N LYS A 435 -30.11 -18.37 -4.76
CA LYS A 435 -30.39 -19.61 -4.04
C LYS A 435 -29.21 -20.10 -3.21
N ASN A 436 -27.96 -19.85 -3.66
CA ASN A 436 -26.76 -20.39 -3.02
C ASN A 436 -25.77 -19.28 -2.78
N GLU A 437 -24.68 -19.61 -2.10
CA GLU A 437 -23.52 -18.72 -1.97
C GLU A 437 -22.87 -18.32 -3.34
N ASP A 438 -23.00 -19.20 -4.34
CA ASP A 438 -22.48 -18.96 -5.68
C ASP A 438 -23.22 -17.81 -6.38
N ASP A 439 -24.54 -17.84 -6.24
CA ASP A 439 -25.43 -16.86 -6.89
C ASP A 439 -25.28 -15.48 -6.25
N VAL A 440 -24.93 -15.44 -4.97
CA VAL A 440 -24.61 -14.19 -4.27
C VAL A 440 -23.38 -13.49 -4.84
N LYS A 441 -22.34 -14.27 -5.17
CA LYS A 441 -21.11 -13.74 -5.81
C LYS A 441 -21.47 -13.11 -7.16
N SER A 442 -22.42 -13.75 -7.86
CA SER A 442 -22.93 -13.24 -9.12
C SER A 442 -23.52 -11.85 -8.88
N LEU A 443 -24.40 -11.79 -7.88
CA LEU A 443 -25.13 -10.55 -7.52
C LEU A 443 -24.26 -9.31 -7.41
N SER A 444 -23.18 -9.46 -6.67
CA SER A 444 -22.15 -8.46 -6.53
C SER A 444 -21.76 -7.83 -7.85
N ARG A 445 -21.32 -8.69 -8.78
CA ARG A 445 -20.84 -8.29 -10.11
C ARG A 445 -21.89 -7.39 -10.84
N VAL A 446 -23.15 -7.72 -10.66
CA VAL A 446 -24.28 -6.92 -11.16
C VAL A 446 -24.36 -5.56 -10.42
N MET A 447 -24.47 -5.62 -9.08
CA MET A 447 -24.52 -4.41 -8.23
C MET A 447 -23.30 -3.58 -8.49
N ILE A 448 -22.12 -4.25 -8.43
CA ILE A 448 -20.79 -3.65 -8.74
C ILE A 448 -20.91 -2.69 -9.93
N HIS A 449 -21.48 -3.22 -11.02
CA HIS A 449 -21.61 -2.58 -12.33
C HIS A 449 -22.78 -1.61 -12.40
N VAL A 450 -23.94 -1.97 -11.85
CA VAL A 450 -25.08 -1.04 -11.85
C VAL A 450 -24.78 0.23 -11.03
N PHE A 451 -24.07 0.05 -9.92
CA PHE A 451 -23.68 1.20 -9.12
C PHE A 451 -22.70 2.05 -9.94
N SER A 452 -21.57 1.44 -10.32
CA SER A 452 -20.50 2.10 -11.10
C SER A 452 -20.98 2.80 -12.35
N ASP A 453 -21.98 2.24 -13.02
CA ASP A 453 -22.59 2.84 -14.20
C ASP A 453 -23.67 3.88 -13.80
N GLY A 454 -23.28 5.04 -13.28
CA GLY A 454 -24.30 6.06 -12.88
C GLY A 454 -23.63 7.23 -12.18
N VAL A 455 -24.40 8.20 -11.68
CA VAL A 455 -23.84 9.42 -11.08
C VAL A 455 -23.49 9.20 -9.58
N THR A 456 -23.01 10.23 -8.89
CA THR A 456 -22.54 10.09 -7.53
C THR A 456 -23.25 11.03 -6.61
N ASN A 457 -24.05 10.48 -5.69
CA ASN A 457 -24.69 11.25 -4.61
C ASN A 457 -25.18 10.29 -3.52
N TRP A 458 -25.62 10.84 -2.40
CA TRP A 458 -26.00 9.98 -1.27
C TRP A 458 -27.22 9.09 -1.50
N GLY A 459 -28.14 9.49 -2.39
CA GLY A 459 -29.35 8.73 -2.67
C GLY A 459 -29.04 7.44 -3.37
N ARG A 460 -28.14 7.50 -4.34
CA ARG A 460 -27.68 6.31 -5.02
C ARG A 460 -26.89 5.42 -4.05
N ILE A 461 -26.13 6.03 -3.13
CA ILE A 461 -25.41 5.29 -2.13
C ILE A 461 -26.38 4.58 -1.16
N VAL A 462 -27.32 5.32 -0.60
CA VAL A 462 -28.37 4.72 0.21
C VAL A 462 -29.09 3.63 -0.54
N THR A 463 -29.31 3.82 -1.84
CA THR A 463 -30.06 2.84 -2.63
C THR A 463 -29.35 1.55 -2.75
N LEU A 464 -28.04 1.61 -3.02
CA LEU A 464 -27.19 0.41 -3.07
C LEU A 464 -27.28 -0.38 -1.79
N ILE A 465 -27.12 0.32 -0.68
CA ILE A 465 -27.06 -0.28 0.66
C ILE A 465 -28.44 -0.89 1.05
N SER A 466 -29.50 -0.17 0.75
CA SER A 466 -30.88 -0.58 1.05
C SER A 466 -31.28 -1.86 0.26
N PHE A 467 -30.78 -1.98 -0.96
CA PHE A 467 -31.02 -3.12 -1.77
C PHE A 467 -30.25 -4.28 -1.20
N GLY A 468 -28.99 -4.03 -0.82
CA GLY A 468 -28.24 -4.96 0.00
C GLY A 468 -29.09 -5.44 1.19
N ALA A 469 -29.72 -4.51 1.92
CA ALA A 469 -30.56 -4.89 3.09
C ALA A 469 -31.71 -5.83 2.69
N PHE A 470 -32.35 -5.48 1.57
CA PHE A 470 -33.48 -6.21 1.00
C PHE A 470 -33.04 -7.63 0.64
N VAL A 471 -31.91 -7.76 0.00
CA VAL A 471 -31.36 -9.05 -0.29
C VAL A 471 -31.00 -9.76 0.99
N ALA A 472 -30.45 -9.05 1.97
CA ALA A 472 -30.08 -9.70 3.23
C ALA A 472 -31.28 -10.36 3.87
N LYS A 473 -32.42 -9.70 3.85
CA LYS A 473 -33.64 -10.25 4.48
C LYS A 473 -34.03 -11.60 3.86
N HIS A 474 -34.02 -11.61 2.53
CA HIS A 474 -34.18 -12.81 1.76
C HIS A 474 -33.22 -13.92 2.16
N LEU A 475 -31.93 -13.61 2.19
CA LEU A 475 -30.95 -14.62 2.48
C LEU A 475 -31.19 -15.27 3.83
N LYS A 476 -31.62 -14.50 4.83
CA LYS A 476 -32.00 -15.11 6.11
C LYS A 476 -33.21 -16.08 5.95
N THR A 477 -34.21 -15.63 5.19
CA THR A 477 -35.46 -16.33 4.85
C THR A 477 -35.27 -17.75 4.33
N ILE A 478 -34.23 -17.91 3.50
CA ILE A 478 -33.81 -19.18 2.90
C ILE A 478 -32.56 -19.79 3.56
N ASN A 479 -32.31 -19.45 4.83
CA ASN A 479 -31.22 -20.07 5.58
C ASN A 479 -29.83 -20.00 4.87
N GLN A 480 -29.57 -18.84 4.27
CA GLN A 480 -28.28 -18.49 3.65
C GLN A 480 -27.65 -17.31 4.39
N GLU A 481 -27.78 -17.30 5.71
CA GLU A 481 -27.41 -16.14 6.52
C GLU A 481 -25.88 -15.87 6.48
N SER A 482 -25.12 -16.94 6.30
CA SER A 482 -23.66 -16.89 6.12
C SER A 482 -23.22 -15.97 4.95
N CYS A 483 -24.13 -15.73 4.00
CA CYS A 483 -23.80 -14.97 2.80
C CYS A 483 -23.97 -13.47 2.94
N ILE A 484 -24.48 -13.00 4.10
CA ILE A 484 -24.77 -11.59 4.34
C ILE A 484 -23.47 -10.82 4.55
N GLU A 485 -22.58 -11.30 5.38
CA GLU A 485 -21.32 -10.58 5.58
C GLU A 485 -20.51 -10.34 4.25
N PRO A 486 -20.39 -11.36 3.37
CA PRO A 486 -19.74 -11.21 2.05
C PRO A 486 -20.46 -10.24 1.14
N LEU A 487 -21.78 -10.17 1.28
CA LEU A 487 -22.53 -9.17 0.56
C LEU A 487 -22.19 -7.74 1.05
N ALA A 488 -22.08 -7.60 2.35
CA ALA A 488 -21.72 -6.33 2.92
C ALA A 488 -20.30 -5.90 2.51
N GLU A 489 -19.34 -6.83 2.50
CA GLU A 489 -17.93 -6.53 2.12
C GLU A 489 -17.92 -6.10 0.66
N SER A 490 -18.67 -6.81 -0.15
CA SER A 490 -18.75 -6.52 -1.57
C SER A 490 -19.34 -5.11 -1.84
N ILE A 491 -20.48 -4.81 -1.20
CA ILE A 491 -21.10 -3.49 -1.33
C ILE A 491 -20.16 -2.39 -0.84
N THR A 492 -19.50 -2.66 0.29
CA THR A 492 -18.59 -1.70 0.88
C THR A 492 -17.45 -1.47 -0.06
N ASP A 493 -16.93 -2.54 -0.65
CA ASP A 493 -15.78 -2.46 -1.52
C ASP A 493 -16.08 -1.60 -2.78
N VAL A 494 -17.16 -1.83 -3.52
CA VAL A 494 -17.54 -0.93 -4.63
C VAL A 494 -17.68 0.51 -4.20
N LEU A 495 -18.38 0.71 -3.06
CA LEU A 495 -18.59 2.04 -2.53
C LEU A 495 -17.27 2.78 -2.30
N VAL A 496 -16.38 2.25 -1.46
CA VAL A 496 -15.16 3.02 -1.13
C VAL A 496 -14.11 3.09 -2.25
N ARG A 497 -14.03 2.08 -3.13
CA ARG A 497 -13.07 2.13 -4.26
C ARG A 497 -13.48 3.14 -5.35
N THR A 498 -14.69 3.03 -5.86
CA THR A 498 -15.14 3.87 -6.95
C THR A 498 -15.48 5.29 -6.52
N LYS A 499 -15.87 5.47 -5.27
CA LYS A 499 -16.27 6.79 -4.78
C LYS A 499 -15.35 7.45 -3.75
N ARG A 500 -14.15 6.94 -3.58
CA ARG A 500 -13.23 7.42 -2.53
C ARG A 500 -13.12 8.95 -2.35
N ASP A 501 -12.77 9.66 -3.45
CA ASP A 501 -12.46 11.12 -3.33
C ASP A 501 -13.69 11.94 -3.03
N TRP A 502 -14.83 11.56 -3.64
CA TRP A 502 -16.09 12.22 -3.36
C TRP A 502 -16.42 12.00 -1.89
N LEU A 503 -16.22 10.78 -1.39
CA LEU A 503 -16.56 10.48 0.00
C LEU A 503 -15.74 11.32 0.94
N VAL A 504 -14.45 11.44 0.65
CA VAL A 504 -13.56 12.25 1.51
C VAL A 504 -13.95 13.71 1.49
N LYS A 505 -14.28 14.20 0.30
CA LYS A 505 -14.69 15.58 0.11
C LYS A 505 -15.95 15.88 0.92
N GLN A 506 -16.83 14.91 1.15
CA GLN A 506 -18.06 15.11 1.95
C GLN A 506 -17.86 15.00 3.43
N ARG A 507 -16.62 14.84 3.90
CA ARG A 507 -16.31 14.46 5.30
C ARG A 507 -16.89 13.05 5.65
N GLY A 508 -16.84 12.13 4.68
CA GLY A 508 -17.22 10.74 4.88
C GLY A 508 -18.63 10.64 5.41
N TRP A 509 -18.80 9.82 6.42
CA TRP A 509 -20.12 9.54 6.94
C TRP A 509 -20.71 10.72 7.76
N ASP A 510 -19.91 11.69 8.21
CA ASP A 510 -20.54 12.91 8.84
C ASP A 510 -21.36 13.71 7.83
N GLY A 511 -20.92 13.69 6.57
CA GLY A 511 -21.63 14.34 5.49
C GLY A 511 -22.92 13.62 5.14
N PHE A 512 -22.91 12.29 5.21
CA PHE A 512 -24.16 11.51 5.03
C PHE A 512 -25.14 11.94 6.12
N VAL A 513 -24.67 11.94 7.34
CA VAL A 513 -25.49 12.39 8.46
C VAL A 513 -26.07 13.78 8.20
N GLU A 514 -25.25 14.74 7.76
CA GLU A 514 -25.71 16.15 7.60
C GLU A 514 -26.71 16.28 6.45
N PHE A 515 -26.38 15.66 5.32
CA PHE A 515 -27.21 15.72 4.12
C PHE A 515 -28.64 15.25 4.36
N PHE A 516 -28.83 14.21 5.19
CA PHE A 516 -30.17 13.71 5.49
C PHE A 516 -30.71 14.17 6.85
N HIS A 517 -30.04 15.12 7.50
CA HIS A 517 -30.44 15.62 8.81
C HIS A 517 -31.82 16.27 8.71
N VAL A 518 -32.69 15.98 9.69
CA VAL A 518 -34.02 16.63 9.75
C VAL A 518 -33.86 18.03 10.30
C1 GLC B . 10.67 1.72 -3.88
C2 GLC B . 10.20 0.65 -2.89
C3 GLC B . 8.71 0.68 -2.63
C4 GLC B . 8.17 2.09 -2.46
C5 GLC B . 8.60 2.99 -3.61
C6 GLC B . 8.23 4.43 -3.32
O1 GLC B . 10.38 1.28 -5.17
O2 GLC B . 10.56 -0.66 -3.37
O3 GLC B . 8.45 -0.14 -1.45
O4 GLC B . 6.75 1.99 -2.40
O5 GLC B . 10.03 3.00 -3.76
O6 GLC B . 8.07 5.24 -4.48
C1 GLC B . 6.17 2.00 -1.08
C2 GLC B . 5.06 0.97 -0.96
C3 GLC B . 3.93 1.30 -1.95
C4 GLC B . 3.42 2.73 -1.67
C5 GLC B . 4.60 3.72 -1.66
C6 GLC B . 4.22 5.10 -1.22
O2 GLC B . 5.67 -0.29 -1.12
O3 GLC B . 2.94 0.25 -1.99
O4 GLC B . 2.51 3.23 -2.67
O5 GLC B . 5.63 3.27 -0.75
O6 GLC B . 5.12 6.10 -1.77
N1 70R C . -31.90 9.23 -5.04
N3 70R C . -28.69 2.75 -7.38
C4 70R C . -33.72 3.92 -6.92
C5 70R C . -33.53 6.00 -5.70
C6 70R C . -32.64 7.20 -5.68
C7 70R C . -31.52 7.51 -6.41
C8 70R C . -31.10 8.76 -6.00
C10 70R C . -33.39 8.18 -2.44
C13 70R C . -34.73 1.37 -7.36
C15 70R C . -29.46 1.80 -7.90
C17 70R C . -27.80 0.23 -7.36
C20 70R C . -28.80 -1.85 -8.18
C21 70R C . -28.98 -3.19 -8.60
C22 70R C . -29.89 -3.81 -9.44
C24 70R C . -28.49 -5.37 -8.61
C26 70R C . -32.03 -1.57 -8.44
C28 70R C . -33.26 -1.65 -9.10
C1 70R C . -30.90 3.57 -8.57
O1 70R C . -33.13 5.15 -6.80
S1 70R C . -27.30 -1.43 -7.39
C2 70R C . -32.33 3.77 -9.02
N2 70R C . -32.84 8.27 -4.84
O2 70R C . -30.64 2.13 -8.44
C3 70R C . -33.33 3.20 -8.06
O3 70R C . -28.05 -4.14 -8.16
N4 70R C . -27.01 1.18 -6.84
O4 70R C . -34.71 -1.18 -10.88
N5 70R C . -36.34 -2.85 -13.12
O5 70R C . -29.16 3.56 -10.24
N6 70R C . -37.68 -5.37 -13.57
O6 70R C . -30.03 5.50 -9.64
C9 70R C . -33.88 8.48 -3.83
C11 70R C . -34.62 3.35 -6.02
C12 70R C . -35.10 2.07 -6.24
C14 70R C . -33.84 1.92 -8.25
C16 70R C . -27.50 2.42 -6.89
C18 70R C . -29.05 0.46 -7.92
C19 70R C . -29.65 -0.73 -8.38
C23 70R C . -29.58 -5.17 -9.41
C25 70R C . -30.99 -0.83 -9.02
C27 70R C . -31.84 -2.24 -7.09
C29 70R C . -33.47 -1.05 -10.34
C30 70R C . -34.87 -1.02 -12.30
C31 70R C . -36.26 -1.45 -12.70
C32 70R C . -36.76 -3.73 -12.01
C33 70R C . -36.78 -5.18 -12.45
C34 70R C . -37.76 -6.78 -13.97
C35 70R C . -37.29 -4.51 -14.68
C36 70R C . -37.26 -3.06 -14.26
C37 70R C . -32.42 -0.34 -10.91
C38 70R C . -31.19 -0.25 -10.27
C39 70R C . -29.96 4.25 -9.57
CL1 70R C . -34.58 -2.54 -8.38
F1 70R C . -32.44 9.03 -2.04
F2 70R C . -32.88 6.95 -2.37
F3 70R C . -34.37 8.26 -1.52
F4 70R C . -27.89 -6.52 -8.26
#